data_7V4P
#
_entry.id   7V4P
#
_cell.length_a   82.083
_cell.length_b   82.083
_cell.length_c   104.172
_cell.angle_alpha   90.00
_cell.angle_beta   90.00
_cell.angle_gamma   90.00
#
_symmetry.space_group_name_H-M   'P 43 21 2'
#
loop_
_entity.id
_entity.type
_entity.pdbx_description
1 polymer Beta-hydroxylase
2 non-polymer 'FE (III) ION'
3 water water
#
_entity_poly.entity_id   1
_entity_poly.type   'polypeptide(L)'
_entity_poly.pdbx_seq_one_letter_code
;HHHHHHSSGLVPRGSMPGRRKACFVTALTSRTELDIDPDKLRESVVELLERHPLVFEGTRQLALQHRPEATDPWYEGCQR
QSLISSDSDFTEVHGELRDTYLGEVFDRLPFKPIRTRIMALDPKYCYSVHRALTPRYHLAVTTSEHARFVFIEHDKVLHI
PADGDLYYVDTRQLHSAFNGGDDMRIHIVFGTDGESK
;
_entity_poly.pdbx_strand_id   A,B
#
# COMPACT_ATOMS: atom_id res chain seq x y z
N ALA A 27 -14.49 -9.34 28.79
CA ALA A 27 -14.70 -10.08 27.55
C ALA A 27 -13.66 -9.74 26.51
N LEU A 28 -13.64 -10.53 25.43
CA LEU A 28 -12.66 -10.33 24.38
C LEU A 28 -12.87 -9.02 23.65
N THR A 29 -14.14 -8.63 23.49
CA THR A 29 -14.47 -7.54 22.59
C THR A 29 -15.83 -6.98 22.99
N SER A 30 -15.95 -5.66 22.93
CA SER A 30 -17.23 -5.01 23.15
C SER A 30 -17.38 -3.86 22.16
N ARG A 31 -18.63 -3.56 21.85
CA ARG A 31 -19.00 -2.53 20.89
C ARG A 31 -19.55 -1.33 21.65
N THR A 32 -19.23 -0.14 21.18
CA THR A 32 -19.78 1.09 21.73
C THR A 32 -20.19 1.98 20.56
N GLU A 33 -21.47 2.32 20.46
CA GLU A 33 -21.97 3.07 19.31
C GLU A 33 -21.42 4.48 19.40
N LEU A 34 -20.64 4.90 18.40
CA LEU A 34 -20.31 6.30 18.19
C LEU A 34 -21.22 6.94 17.16
N ASP A 35 -21.95 6.12 16.42
CA ASP A 35 -22.83 6.58 15.38
C ASP A 35 -22.06 7.49 14.42
N ILE A 36 -20.82 7.09 14.12
CA ILE A 36 -20.00 7.76 13.11
C ILE A 36 -20.37 7.23 11.73
N ASP A 37 -20.28 8.11 10.73
CA ASP A 37 -20.56 7.71 9.36
C ASP A 37 -19.30 7.07 8.77
N PRO A 38 -19.33 5.76 8.52
CA PRO A 38 -18.12 5.08 8.01
C PRO A 38 -17.63 5.68 6.71
N ASP A 39 -18.55 6.20 5.90
CA ASP A 39 -18.14 6.67 4.59
C ASP A 39 -17.46 8.04 4.68
N LYS A 40 -18.03 8.98 5.45
CA LYS A 40 -17.34 10.24 5.68
C LYS A 40 -16.04 10.04 6.46
N LEU A 41 -16.03 9.08 7.40
CA LEU A 41 -14.80 8.79 8.12
C LEU A 41 -13.71 8.32 7.16
N ARG A 42 -14.06 7.44 6.23
CA ARG A 42 -13.07 6.95 5.26
C ARG A 42 -12.52 8.09 4.43
N GLU A 43 -13.41 8.89 3.84
CA GLU A 43 -12.96 10.01 3.02
C GLU A 43 -12.03 10.93 3.80
N SER A 44 -12.35 11.17 5.08
CA SER A 44 -11.50 12.02 5.92
C SER A 44 -10.12 11.39 6.14
N VAL A 45 -10.09 10.08 6.40
CA VAL A 45 -8.80 9.41 6.61
C VAL A 45 -8.00 9.37 5.31
N VAL A 46 -8.66 9.01 4.20
CA VAL A 46 -7.94 8.95 2.93
C VAL A 46 -7.33 10.30 2.60
N GLU A 47 -8.06 11.38 2.89
CA GLU A 47 -7.55 12.71 2.62
C GLU A 47 -6.36 13.03 3.51
N LEU A 48 -6.44 12.64 4.79
CA LEU A 48 -5.34 12.94 5.71
C LEU A 48 -4.05 12.22 5.32
N LEU A 49 -4.15 10.95 4.90
CA LEU A 49 -2.96 10.21 4.52
C LEU A 49 -2.30 10.76 3.27
N GLU A 50 -3.05 11.50 2.45
CA GLU A 50 -2.44 12.16 1.30
C GLU A 50 -1.53 13.30 1.75
N ARG A 51 -1.87 13.97 2.85
CA ARG A 51 -0.99 14.98 3.43
C ARG A 51 0.04 14.39 4.38
N HIS A 52 -0.33 13.39 5.18
CA HIS A 52 0.58 12.80 6.17
C HIS A 52 0.62 11.29 5.98
N PRO A 53 1.55 10.80 5.17
CA PRO A 53 1.51 9.39 4.77
C PRO A 53 1.92 8.49 5.93
N LEU A 54 1.40 7.26 5.86
CA LEU A 54 1.81 6.22 6.80
C LEU A 54 3.29 5.90 6.68
N VAL A 55 3.90 5.58 7.82
CA VAL A 55 5.28 5.11 7.84
C VAL A 55 5.32 3.64 8.21
N PHE A 56 6.49 3.03 7.98
CA PHE A 56 6.83 1.62 8.20
C PHE A 56 6.20 0.70 7.13
N GLU A 57 6.25 -0.60 7.38
CA GLU A 57 5.68 -1.55 6.45
C GLU A 57 5.17 -2.68 7.31
N GLY A 58 4.27 -3.49 6.76
CA GLY A 58 3.68 -4.55 7.56
C GLY A 58 2.54 -3.96 8.33
N THR A 59 2.86 -3.30 9.45
CA THR A 59 1.93 -2.41 10.15
C THR A 59 2.38 -0.96 9.91
N ARG A 60 1.65 -0.26 9.06
CA ARG A 60 1.91 1.13 8.73
C ARG A 60 1.17 2.04 9.71
N GLN A 61 1.78 3.17 10.04
CA GLN A 61 1.34 3.91 11.22
C GLN A 61 1.40 5.41 10.95
N LEU A 62 0.53 6.14 11.70
CA LEU A 62 0.53 7.60 11.77
C LEU A 62 0.03 7.93 13.15
N ALA A 63 0.72 8.82 13.85
CA ALA A 63 0.27 9.20 15.18
C ALA A 63 -0.78 10.31 15.09
N LEU A 64 -1.88 10.13 15.79
CA LEU A 64 -2.95 11.11 15.80
C LEU A 64 -2.93 11.93 17.07
N GLN A 65 -2.18 11.49 18.08
CA GLN A 65 -1.93 12.23 19.30
C GLN A 65 -0.43 12.40 19.49
N HIS A 66 -0.06 13.53 20.11
CA HIS A 66 1.33 13.83 20.30
C HIS A 66 1.57 14.38 21.71
N ARG A 67 2.83 14.32 22.14
CA ARG A 67 3.27 14.93 23.39
C ARG A 67 3.09 16.45 23.32
N PRO A 68 2.80 17.10 24.43
CA PRO A 68 2.67 18.57 24.41
C PRO A 68 3.94 19.22 23.88
N GLU A 69 3.76 20.05 22.85
CA GLU A 69 4.81 20.89 22.27
C GLU A 69 5.81 20.04 21.46
N ALA A 70 5.29 19.02 20.78
CA ALA A 70 6.15 18.06 20.11
C ALA A 70 6.70 18.61 18.81
N THR A 71 7.98 18.31 18.58
CA THR A 71 8.67 18.59 17.35
C THR A 71 8.25 17.66 16.21
N ASP A 72 7.86 16.43 16.52
CA ASP A 72 7.54 15.43 15.50
C ASP A 72 6.20 14.84 15.88
N PRO A 73 5.13 15.65 15.84
CA PRO A 73 3.84 15.20 16.38
C PRO A 73 3.19 14.08 15.56
N TRP A 74 3.41 14.03 14.25
CA TRP A 74 2.75 13.02 13.41
C TRP A 74 3.40 11.65 13.49
N TYR A 75 4.63 11.52 13.99
CA TYR A 75 5.30 10.25 13.95
C TYR A 75 5.94 9.81 15.25
N GLU A 76 6.13 10.70 16.24
CA GLU A 76 6.82 10.26 17.45
C GLU A 76 6.09 9.13 18.13
N GLY A 77 4.75 9.18 18.12
CA GLY A 77 3.99 8.14 18.79
C GLY A 77 4.02 6.80 18.09
N CYS A 78 4.48 6.75 16.84
CA CYS A 78 4.49 5.51 16.08
C CYS A 78 5.64 4.65 16.56
N GLN A 79 5.36 3.36 16.73
CA GLN A 79 6.34 2.50 17.36
C GLN A 79 6.08 1.06 16.98
N ARG A 80 7.15 0.31 16.76
CA ARG A 80 6.96 -1.11 16.55
C ARG A 80 8.16 -1.94 16.94
N GLN A 81 9.25 -1.34 17.37
CA GLN A 81 10.37 -2.11 17.88
C GLN A 81 9.93 -3.00 19.05
N SER A 82 10.82 -3.94 19.38
CA SER A 82 10.53 -4.89 20.44
C SER A 82 10.34 -4.21 21.79
N LEU A 83 11.01 -3.08 22.03
CA LEU A 83 10.93 -2.40 23.33
C LEU A 83 9.84 -1.33 23.26
N ILE A 84 8.68 -1.63 23.86
CA ILE A 84 7.55 -0.71 23.96
C ILE A 84 7.80 0.32 25.05
N SER A 85 7.47 1.57 24.76
CA SER A 85 7.57 2.69 25.71
C SER A 85 6.16 3.12 26.13
N SER A 86 6.09 4.01 27.15
CA SER A 86 4.82 4.38 27.78
C SER A 86 3.95 5.27 26.91
N ASP A 87 2.63 5.08 27.05
CA ASP A 87 1.61 5.80 26.30
C ASP A 87 1.21 7.14 26.92
N SER A 88 1.57 7.40 28.17
CA SER A 88 0.89 8.45 28.94
C SER A 88 1.14 9.84 28.41
N ASP A 89 2.24 10.07 27.70
CA ASP A 89 2.55 11.43 27.30
C ASP A 89 1.87 11.87 26.00
N PHE A 90 1.34 10.93 25.19
CA PHE A 90 0.75 11.24 23.87
C PHE A 90 -0.74 11.57 24.07
N THR A 91 -1.02 12.84 24.42
CA THR A 91 -2.35 13.26 24.86
C THR A 91 -3.01 14.28 23.95
N GLU A 92 -2.26 15.00 23.13
CA GLU A 92 -2.80 16.11 22.35
C GLU A 92 -3.26 15.62 20.97
N VAL A 93 -4.57 15.51 20.81
CA VAL A 93 -5.12 15.33 19.48
C VAL A 93 -4.58 16.41 18.57
N HIS A 94 -4.02 16.01 17.44
CA HIS A 94 -3.36 17.01 16.62
C HIS A 94 -4.34 18.12 16.25
N GLY A 95 -3.81 19.34 16.16
CA GLY A 95 -4.66 20.50 16.00
C GLY A 95 -5.36 20.55 14.66
N GLU A 96 -4.67 20.17 13.58
CA GLU A 96 -5.36 20.27 12.31
C GLU A 96 -6.49 19.18 12.12
N LEU A 97 -6.87 18.40 13.13
CA LEU A 97 -7.95 17.42 13.05
C LEU A 97 -9.33 17.98 13.41
N ARG A 98 -9.41 19.10 14.14
CA ARG A 98 -10.69 19.58 14.66
C ARG A 98 -11.65 20.04 13.57
N ASP A 99 -11.16 20.35 12.37
CA ASP A 99 -12.01 20.76 11.27
C ASP A 99 -12.39 19.62 10.34
N THR A 100 -11.79 18.44 10.54
CA THR A 100 -12.06 17.23 9.77
C THR A 100 -13.06 16.35 10.51
N TYR A 101 -13.72 15.48 9.74
CA TYR A 101 -14.61 14.53 10.36
C TYR A 101 -13.86 13.63 11.35
N LEU A 102 -12.57 13.40 11.13
CA LEU A 102 -11.82 12.55 12.03
C LEU A 102 -11.77 13.16 13.43
N GLY A 103 -11.69 14.50 13.50
CA GLY A 103 -11.86 15.19 14.77
C GLY A 103 -13.17 14.87 15.47
N GLU A 104 -14.23 14.63 14.70
CA GLU A 104 -15.52 14.30 15.31
C GLU A 104 -15.45 12.99 16.07
N VAL A 105 -14.69 12.01 15.55
CA VAL A 105 -14.51 10.74 16.27
C VAL A 105 -13.97 11.01 17.67
N PHE A 106 -12.92 11.84 17.77
CA PHE A 106 -12.33 12.11 19.09
C PHE A 106 -13.34 12.80 20.01
N ASP A 107 -14.15 13.67 19.45
CA ASP A 107 -15.14 14.38 20.26
C ASP A 107 -16.13 13.42 20.87
N ARG A 108 -16.49 12.36 20.14
CA ARG A 108 -17.51 11.43 20.60
C ARG A 108 -16.96 10.32 21.49
N LEU A 109 -15.66 10.28 21.74
CA LEU A 109 -15.10 9.22 22.55
C LEU A 109 -15.64 9.27 23.97
N PRO A 110 -16.06 8.15 24.55
CA PRO A 110 -16.50 8.13 25.94
C PRO A 110 -15.37 8.02 26.95
N PHE A 111 -14.13 8.11 26.51
CA PHE A 111 -12.96 8.01 27.38
C PHE A 111 -11.91 8.96 26.83
N LYS A 112 -10.88 9.23 27.66
CA LYS A 112 -9.82 10.10 27.20
C LYS A 112 -8.73 9.24 26.55
N PRO A 113 -8.49 9.39 25.26
CA PRO A 113 -7.56 8.50 24.57
C PRO A 113 -6.11 8.94 24.75
N ILE A 114 -5.21 7.96 24.70
CA ILE A 114 -3.79 8.26 24.64
C ILE A 114 -3.12 7.44 23.55
N ARG A 115 -2.04 8.00 22.99
CA ARG A 115 -1.26 7.39 21.93
C ARG A 115 -2.14 6.81 20.82
N THR A 116 -3.08 7.62 20.35
CA THR A 116 -3.93 7.17 19.26
C THR A 116 -3.12 7.17 17.96
N ARG A 117 -3.31 6.13 17.17
CA ARG A 117 -2.57 5.95 15.93
C ARG A 117 -3.48 5.38 14.85
N ILE A 118 -3.21 5.73 13.62
CA ILE A 118 -3.70 4.88 12.54
C ILE A 118 -2.75 3.68 12.46
N MET A 119 -3.32 2.47 12.46
CA MET A 119 -2.60 1.19 12.44
C MET A 119 -3.15 0.44 11.21
N ALA A 120 -2.35 0.35 10.17
CA ALA A 120 -2.81 -0.24 8.92
C ALA A 120 -2.04 -1.52 8.63
N LEU A 121 -2.77 -2.65 8.54
CA LEU A 121 -2.13 -3.91 8.17
C LEU A 121 -2.01 -3.97 6.66
N ASP A 122 -0.81 -4.27 6.18
CA ASP A 122 -0.58 -4.34 4.75
C ASP A 122 -1.36 -5.52 4.17
N PRO A 123 -1.50 -5.58 2.85
CA PRO A 123 -2.12 -6.76 2.24
C PRO A 123 -1.26 -8.00 2.52
N LYS A 124 -1.94 -9.14 2.71
CA LYS A 124 -1.30 -10.46 2.83
C LYS A 124 -0.34 -10.52 4.00
N TYR A 125 -0.62 -9.78 5.08
CA TYR A 125 0.31 -9.61 6.17
C TYR A 125 -0.32 -10.06 7.48
N CYS A 126 0.49 -10.61 8.37
CA CYS A 126 0.02 -10.99 9.69
C CYS A 126 1.15 -10.80 10.69
N TYR A 127 0.84 -10.71 11.96
N TYR A 127 0.75 -10.80 11.97
CA TYR A 127 1.99 -10.60 12.84
CA TYR A 127 1.52 -10.62 13.20
C TYR A 127 1.99 -11.78 13.81
C TYR A 127 2.05 -11.94 13.75
N SER A 128 3.04 -11.84 14.62
CA SER A 128 3.34 -13.00 15.43
C SER A 128 2.20 -13.25 16.43
N VAL A 129 2.09 -14.50 16.84
CA VAL A 129 1.16 -14.86 17.90
C VAL A 129 1.81 -14.40 19.20
N HIS A 130 1.12 -13.52 19.93
CA HIS A 130 1.76 -12.90 21.07
C HIS A 130 0.70 -12.33 21.99
N ARG A 131 1.16 -11.94 23.18
N ARG A 131 1.16 -11.90 23.16
CA ARG A 131 0.30 -11.25 24.13
CA ARG A 131 0.31 -11.29 24.17
C ARG A 131 0.69 -9.78 24.14
C ARG A 131 0.67 -9.81 24.25
N ALA A 132 -0.30 -8.93 23.96
CA ALA A 132 -0.04 -7.51 24.03
C ALA A 132 0.00 -7.00 25.46
N LEU A 133 0.62 -5.83 25.63
CA LEU A 133 0.69 -5.18 26.93
C LEU A 133 -0.66 -4.65 27.38
N THR A 134 -1.44 -4.12 26.45
CA THR A 134 -2.63 -3.44 26.90
C THR A 134 -3.73 -3.59 25.87
N PRO A 135 -4.98 -3.72 26.30
CA PRO A 135 -6.10 -3.64 25.35
C PRO A 135 -6.15 -2.26 24.70
N ARG A 136 -6.78 -2.22 23.53
CA ARG A 136 -6.95 -0.98 22.78
C ARG A 136 -8.36 -0.97 22.23
N TYR A 137 -8.84 0.22 21.88
CA TYR A 137 -10.08 0.33 21.13
C TYR A 137 -9.74 0.48 19.65
N HIS A 138 -10.45 -0.26 18.80
CA HIS A 138 -10.26 -0.23 17.36
C HIS A 138 -11.48 0.36 16.67
N LEU A 139 -11.24 1.29 15.78
CA LEU A 139 -12.31 1.74 14.89
C LEU A 139 -11.84 1.39 13.49
N ALA A 140 -12.53 0.46 12.84
CA ALA A 140 -12.06 0.06 11.52
C ALA A 140 -12.50 1.11 10.53
N VAL A 141 -11.55 1.61 9.75
CA VAL A 141 -11.85 2.59 8.72
C VAL A 141 -12.07 1.93 7.37
N THR A 142 -11.11 1.10 6.97
CA THR A 142 -11.19 0.28 5.76
C THR A 142 -10.82 -1.15 6.13
N THR A 143 -11.66 -2.11 5.75
CA THR A 143 -11.38 -3.49 6.11
C THR A 143 -12.08 -4.39 5.08
N SER A 144 -12.06 -5.69 5.33
CA SER A 144 -12.72 -6.65 4.45
C SER A 144 -12.94 -7.90 5.25
N GLU A 145 -13.59 -8.92 4.63
CA GLU A 145 -13.77 -10.20 5.31
C GLU A 145 -12.45 -10.94 5.49
N HIS A 146 -11.36 -10.47 4.87
CA HIS A 146 -10.07 -11.13 4.99
C HIS A 146 -9.23 -10.66 6.18
N ALA A 147 -9.70 -9.67 6.93
CA ALA A 147 -8.96 -9.12 8.06
C ALA A 147 -9.61 -9.62 9.34
N ARG A 148 -8.88 -10.40 10.15
CA ARG A 148 -9.44 -10.93 11.39
C ARG A 148 -8.43 -10.83 12.52
N PHE A 149 -8.96 -10.86 13.75
CA PHE A 149 -8.19 -11.17 14.96
C PHE A 149 -8.38 -12.65 15.26
N VAL A 150 -7.31 -13.30 15.71
CA VAL A 150 -7.32 -14.72 16.01
C VAL A 150 -6.88 -14.89 17.46
N PHE A 151 -7.78 -15.34 18.33
CA PHE A 151 -7.44 -15.61 19.72
C PHE A 151 -7.17 -17.10 19.91
N ILE A 152 -5.92 -17.43 20.25
CA ILE A 152 -5.43 -18.80 20.18
C ILE A 152 -6.05 -19.66 21.29
N GLU A 153 -5.95 -19.21 22.55
CA GLU A 153 -6.52 -19.98 23.65
C GLU A 153 -8.04 -19.92 23.65
N HIS A 154 -8.61 -18.75 23.41
CA HIS A 154 -10.05 -18.65 23.30
C HIS A 154 -10.58 -19.40 22.10
N ASP A 155 -9.73 -19.68 21.12
CA ASP A 155 -10.16 -20.35 19.88
C ASP A 155 -11.33 -19.61 19.27
N LYS A 156 -11.22 -18.29 19.18
CA LYS A 156 -12.23 -17.47 18.51
C LYS A 156 -11.58 -16.60 17.45
N VAL A 157 -12.35 -16.33 16.42
CA VAL A 157 -11.95 -15.49 15.30
C VAL A 157 -12.92 -14.31 15.28
N LEU A 158 -12.36 -13.11 15.16
CA LEU A 158 -13.10 -11.88 15.38
C LEU A 158 -12.86 -10.95 14.20
N HIS A 159 -13.93 -10.37 13.67
CA HIS A 159 -13.86 -9.39 12.62
C HIS A 159 -14.32 -8.04 13.16
N ILE A 160 -13.62 -6.97 12.80
CA ILE A 160 -14.05 -5.64 13.22
C ILE A 160 -14.58 -4.91 11.98
N PRO A 161 -15.89 -4.71 11.87
CA PRO A 161 -16.40 -4.06 10.65
C PRO A 161 -16.25 -2.56 10.71
N ALA A 162 -16.13 -1.98 9.51
CA ALA A 162 -16.12 -0.53 9.33
C ALA A 162 -17.56 -0.01 9.38
N ASP A 163 -18.11 -0.01 10.59
CA ASP A 163 -19.50 0.42 10.80
C ASP A 163 -19.59 1.72 11.60
N GLY A 164 -18.49 2.44 11.76
CA GLY A 164 -18.50 3.67 12.52
C GLY A 164 -18.56 3.51 14.01
N ASP A 165 -18.51 2.30 14.53
CA ASP A 165 -18.53 2.09 15.96
C ASP A 165 -17.17 1.64 16.47
N LEU A 166 -17.02 1.75 17.77
CA LEU A 166 -15.77 1.52 18.48
C LEU A 166 -15.78 0.11 19.07
N TYR A 167 -14.72 -0.64 18.83
CA TYR A 167 -14.65 -2.00 19.33
C TYR A 167 -13.47 -2.10 20.28
N TYR A 168 -13.77 -2.39 21.53
CA TYR A 168 -12.73 -2.78 22.47
C TYR A 168 -12.24 -4.17 22.10
N VAL A 169 -10.92 -4.34 21.97
CA VAL A 169 -10.34 -5.66 21.67
C VAL A 169 -9.26 -5.96 22.70
N ASP A 170 -9.39 -7.07 23.42
CA ASP A 170 -8.40 -7.38 24.46
C ASP A 170 -7.21 -8.10 23.84
N THR A 171 -6.32 -7.31 23.26
CA THR A 171 -5.10 -7.86 22.68
C THR A 171 -4.05 -8.22 23.72
N ARG A 172 -4.35 -8.16 25.04
CA ARG A 172 -3.49 -8.88 25.98
C ARG A 172 -3.64 -10.39 25.85
N GLN A 173 -4.78 -10.86 25.36
CA GLN A 173 -4.98 -12.28 25.12
C GLN A 173 -4.03 -12.78 24.02
N LEU A 174 -3.55 -14.01 24.15
CA LEU A 174 -2.69 -14.59 23.14
C LEU A 174 -3.40 -14.58 21.78
N HIS A 175 -2.81 -13.92 20.81
CA HIS A 175 -3.56 -13.63 19.60
C HIS A 175 -2.61 -13.27 18.47
N SER A 176 -3.17 -13.28 17.27
CA SER A 176 -2.55 -12.64 16.11
C SER A 176 -3.64 -11.90 15.35
N ALA A 177 -3.25 -11.03 14.44
CA ALA A 177 -4.18 -10.42 13.51
C ALA A 177 -3.62 -10.61 12.12
N PHE A 178 -4.49 -10.85 11.15
CA PHE A 178 -4.00 -10.98 9.79
C PHE A 178 -4.91 -10.20 8.87
N ASN A 179 -4.41 -9.93 7.67
CA ASN A 179 -5.16 -9.25 6.61
C ASN A 179 -4.87 -10.05 5.34
N GLY A 180 -5.77 -10.95 4.95
CA GLY A 180 -5.48 -11.74 3.78
C GLY A 180 -5.93 -11.11 2.49
N GLY A 181 -6.36 -9.83 2.53
CA GLY A 181 -6.87 -9.13 1.37
C GLY A 181 -5.77 -8.47 0.58
N ASP A 182 -6.15 -7.85 -0.54
CA ASP A 182 -5.22 -7.10 -1.37
C ASP A 182 -5.23 -5.63 -1.05
N ASP A 183 -6.12 -5.16 -0.17
CA ASP A 183 -6.13 -3.78 0.27
C ASP A 183 -5.59 -3.69 1.69
N MET A 184 -4.92 -2.56 2.00
CA MET A 184 -4.64 -2.21 3.39
C MET A 184 -5.88 -2.25 4.27
N ARG A 185 -5.71 -2.80 5.47
N ARG A 185 -5.73 -2.81 5.47
CA ARG A 185 -6.76 -2.82 6.49
CA ARG A 185 -6.77 -2.81 6.48
C ARG A 185 -6.44 -1.70 7.48
C ARG A 185 -6.44 -1.70 7.47
N ILE A 186 -7.17 -0.60 7.40
CA ILE A 186 -6.85 0.61 8.16
C ILE A 186 -7.73 0.70 9.39
N HIS A 187 -7.13 0.68 10.57
CA HIS A 187 -7.86 0.97 11.81
C HIS A 187 -7.34 2.26 12.43
N ILE A 188 -8.21 2.92 13.18
CA ILE A 188 -7.74 3.86 14.19
C ILE A 188 -7.74 3.10 15.52
N VAL A 189 -6.64 3.17 16.25
CA VAL A 189 -6.45 2.39 17.46
C VAL A 189 -6.20 3.36 18.61
N PHE A 190 -7.09 3.38 19.58
CA PHE A 190 -7.04 4.31 20.71
C PHE A 190 -6.53 3.59 21.96
N GLY A 191 -5.50 4.14 22.62
CA GLY A 191 -5.16 3.64 23.93
C GLY A 191 -5.99 4.34 25.01
N THR A 192 -6.06 3.75 26.20
CA THR A 192 -6.64 4.47 27.34
C THR A 192 -5.93 4.14 28.65
N ASP A 193 -5.89 5.14 29.55
CA ASP A 193 -5.68 4.90 30.99
C ASP A 193 -7.01 4.61 31.69
N GLY A 194 -7.89 5.62 31.73
CA GLY A 194 -9.19 5.47 32.37
C GLY A 194 -10.07 6.71 32.35
N ALA B 27 -7.07 13.00 -13.60
CA ALA B 27 -7.91 11.96 -14.17
C ALA B 27 -7.19 10.64 -14.06
N LEU B 28 -7.89 9.59 -14.45
CA LEU B 28 -7.37 8.23 -14.32
C LEU B 28 -6.02 8.09 -15.00
N THR B 29 -5.82 8.77 -16.12
CA THR B 29 -4.71 8.47 -17.00
C THR B 29 -4.23 9.75 -17.66
N SER B 30 -3.01 9.70 -18.17
CA SER B 30 -2.46 10.78 -18.99
C SER B 30 -1.27 10.24 -19.77
N ARG B 31 -1.07 10.79 -20.96
CA ARG B 31 -0.07 10.28 -21.89
C ARG B 31 0.97 11.36 -22.13
N THR B 32 2.24 11.00 -21.91
CA THR B 32 3.33 11.88 -22.26
C THR B 32 4.09 11.25 -23.42
N GLU B 33 4.35 12.04 -24.47
CA GLU B 33 5.04 11.57 -25.66
C GLU B 33 6.48 11.24 -25.31
N LEU B 34 6.92 10.03 -25.64
CA LEU B 34 8.28 9.63 -25.38
C LEU B 34 9.04 9.25 -26.65
N ASP B 35 8.32 8.87 -27.72
CA ASP B 35 8.94 8.54 -29.01
C ASP B 35 9.93 7.38 -28.91
N ILE B 36 9.67 6.46 -27.98
CA ILE B 36 10.38 5.19 -27.96
C ILE B 36 9.94 4.35 -29.13
N ASP B 37 10.88 3.62 -29.74
CA ASP B 37 10.49 2.75 -30.83
C ASP B 37 9.96 1.44 -30.27
N PRO B 38 8.71 1.08 -30.57
CA PRO B 38 8.13 -0.13 -29.97
C PRO B 38 8.86 -1.41 -30.32
N ASP B 39 9.34 -1.57 -31.56
CA ASP B 39 10.00 -2.84 -31.89
C ASP B 39 11.36 -2.95 -31.20
N LYS B 40 12.07 -1.84 -31.08
CA LYS B 40 13.38 -1.89 -30.43
C LYS B 40 13.24 -2.14 -28.94
N LEU B 41 12.29 -1.46 -28.30
CA LEU B 41 11.99 -1.72 -26.90
C LEU B 41 11.65 -3.18 -26.68
N ARG B 42 10.79 -3.73 -27.56
CA ARG B 42 10.39 -5.13 -27.44
C ARG B 42 11.59 -6.06 -27.51
N GLU B 43 12.41 -5.91 -28.55
CA GLU B 43 13.54 -6.83 -28.65
C GLU B 43 14.56 -6.59 -27.56
N SER B 44 14.69 -5.35 -27.08
CA SER B 44 15.53 -5.08 -25.92
C SER B 44 15.05 -5.86 -24.70
N VAL B 45 13.74 -5.85 -24.45
CA VAL B 45 13.18 -6.51 -23.28
C VAL B 45 13.31 -8.03 -23.38
N VAL B 46 13.07 -8.59 -24.57
CA VAL B 46 13.19 -10.04 -24.77
C VAL B 46 14.64 -10.50 -24.52
N GLU B 47 15.63 -9.72 -24.96
CA GLU B 47 16.99 -10.18 -24.72
C GLU B 47 17.37 -10.02 -23.26
N LEU B 48 16.92 -8.95 -22.60
CA LEU B 48 17.18 -8.83 -21.17
C LEU B 48 16.59 -10.01 -20.43
N LEU B 49 15.33 -10.33 -20.72
CA LEU B 49 14.68 -11.38 -19.97
C LEU B 49 15.30 -12.73 -20.21
N GLU B 50 16.10 -12.94 -21.26
CA GLU B 50 16.46 -14.35 -21.31
C GLU B 50 17.77 -14.50 -20.56
N ARG B 51 18.43 -13.37 -20.22
CA ARG B 51 19.52 -13.38 -19.25
C ARG B 51 19.08 -13.14 -17.81
N HIS B 52 17.95 -12.44 -17.59
CA HIS B 52 17.43 -12.20 -16.24
C HIS B 52 15.93 -12.50 -16.25
N PRO B 53 15.56 -13.73 -15.90
CA PRO B 53 14.16 -14.14 -16.09
C PRO B 53 13.22 -13.44 -15.12
N LEU B 54 11.95 -13.33 -15.53
CA LEU B 54 10.89 -12.88 -14.64
C LEU B 54 10.73 -13.86 -13.48
N VAL B 55 10.32 -13.36 -12.32
CA VAL B 55 9.94 -14.24 -11.22
C VAL B 55 8.45 -14.12 -10.98
N PHE B 56 7.91 -15.11 -10.25
CA PHE B 56 6.53 -15.15 -9.76
C PHE B 56 5.54 -15.60 -10.84
N GLU B 57 4.29 -15.85 -10.44
CA GLU B 57 3.24 -16.24 -11.37
C GLU B 57 2.15 -15.18 -11.35
N GLY B 58 1.41 -15.07 -12.44
CA GLY B 58 0.28 -14.15 -12.34
C GLY B 58 0.70 -12.78 -12.78
N THR B 59 1.32 -12.01 -11.90
CA THR B 59 2.12 -10.87 -12.31
C THR B 59 3.59 -11.28 -12.18
N ARG B 60 4.29 -11.35 -13.29
CA ARG B 60 5.69 -11.77 -13.29
C ARG B 60 6.54 -10.52 -13.39
N GLN B 61 7.67 -10.49 -12.67
CA GLN B 61 8.36 -9.23 -12.45
C GLN B 61 9.86 -9.36 -12.65
N LEU B 62 10.47 -8.20 -12.90
CA LEU B 62 11.92 -8.02 -12.84
C LEU B 62 12.19 -6.59 -12.41
N ALA B 63 13.08 -6.38 -11.43
CA ALA B 63 13.46 -5.03 -11.02
C ALA B 63 14.52 -4.45 -11.97
N LEU B 64 14.27 -3.25 -12.51
CA LEU B 64 15.24 -2.53 -13.32
C LEU B 64 16.03 -1.52 -12.52
N GLN B 65 15.57 -1.21 -11.32
CA GLN B 65 16.28 -0.32 -10.42
C GLN B 65 16.49 -1.02 -9.08
N HIS B 66 17.60 -0.68 -8.42
CA HIS B 66 17.93 -1.34 -7.18
C HIS B 66 18.43 -0.29 -6.19
N ARG B 67 18.42 -0.68 -4.90
CA ARG B 67 19.03 0.15 -3.86
C ARG B 67 20.55 0.10 -4.02
N PRO B 68 21.25 1.16 -3.61
CA PRO B 68 22.71 1.10 -3.62
C PRO B 68 23.19 -0.06 -2.76
N GLU B 69 24.12 -0.83 -3.30
CA GLU B 69 24.79 -1.93 -2.62
C GLU B 69 23.84 -3.11 -2.35
N ALA B 70 22.66 -3.12 -2.98
CA ALA B 70 21.77 -4.27 -2.90
C ALA B 70 22.52 -5.52 -3.34
N THR B 71 22.30 -6.61 -2.64
CA THR B 71 22.91 -7.87 -2.99
C THR B 71 22.03 -8.71 -3.90
N ASP B 72 20.76 -8.38 -4.02
CA ASP B 72 19.85 -9.06 -4.94
C ASP B 72 19.18 -8.00 -5.80
N PRO B 73 19.97 -7.30 -6.64
CA PRO B 73 19.44 -6.11 -7.30
C PRO B 73 18.37 -6.39 -8.35
N TRP B 74 18.36 -7.57 -8.98
CA TRP B 74 17.36 -7.80 -10.02
C TRP B 74 15.98 -8.15 -9.48
N TYR B 75 15.86 -8.43 -8.18
CA TYR B 75 14.59 -8.93 -7.64
C TYR B 75 14.18 -8.32 -6.33
N GLU B 76 15.06 -7.62 -5.60
CA GLU B 76 14.61 -7.05 -4.32
C GLU B 76 13.44 -6.08 -4.54
N GLY B 77 13.49 -5.26 -5.57
CA GLY B 77 12.38 -4.34 -5.85
C GLY B 77 11.07 -5.02 -6.21
N CYS B 78 11.09 -6.32 -6.43
CA CYS B 78 9.88 -7.07 -6.79
C CYS B 78 9.12 -7.59 -5.59
N GLN B 79 9.63 -7.39 -4.39
CA GLN B 79 9.00 -7.97 -3.21
C GLN B 79 7.62 -7.35 -3.01
N ARG B 80 6.79 -8.05 -2.25
CA ARG B 80 5.44 -7.59 -1.96
C ARG B 80 5.45 -6.37 -1.02
N GLN B 81 4.33 -5.67 -1.04
CA GLN B 81 4.21 -4.39 -0.35
C GLN B 81 4.61 -4.47 1.13
N SER B 82 4.22 -5.55 1.83
CA SER B 82 4.47 -5.64 3.26
C SER B 82 5.95 -5.67 3.59
N LEU B 83 6.80 -5.83 2.57
CA LEU B 83 8.24 -5.83 2.75
C LEU B 83 8.89 -4.53 2.31
N ILE B 84 8.14 -3.61 1.70
CA ILE B 84 8.73 -2.41 1.12
C ILE B 84 8.02 -1.17 1.68
N SER B 85 8.76 -0.38 2.44
CA SER B 85 8.21 0.84 3.03
C SER B 85 7.85 1.88 1.97
N SER B 86 8.74 2.10 1.00
CA SER B 86 8.42 3.01 -0.13
C SER B 86 9.37 2.75 -1.30
N ASP B 87 8.97 3.27 -2.47
CA ASP B 87 9.76 3.12 -3.68
C ASP B 87 11.07 3.89 -3.65
N SER B 88 11.23 4.86 -2.74
CA SER B 88 12.20 5.92 -2.92
C SER B 88 13.66 5.45 -2.87
N ASP B 89 13.95 4.31 -2.22
CA ASP B 89 15.31 3.81 -2.16
C ASP B 89 15.79 3.18 -3.44
N PHE B 90 14.90 2.69 -4.29
CA PHE B 90 15.29 1.93 -5.49
C PHE B 90 15.57 2.92 -6.60
N THR B 91 16.74 3.54 -6.51
CA THR B 91 17.12 4.66 -7.39
C THR B 91 18.08 4.28 -8.50
N GLU B 92 18.79 3.16 -8.38
CA GLU B 92 19.91 2.88 -9.28
C GLU B 92 19.46 2.00 -10.43
N VAL B 93 19.51 2.54 -11.65
CA VAL B 93 19.37 1.73 -12.86
C VAL B 93 20.55 0.77 -12.94
N HIS B 94 20.27 -0.51 -13.16
N HIS B 94 20.27 -0.52 -13.14
CA HIS B 94 21.32 -1.52 -13.24
CA HIS B 94 21.35 -1.49 -13.18
C HIS B 94 22.38 -1.09 -14.24
C HIS B 94 22.38 -1.11 -14.23
N GLY B 95 23.66 -1.26 -13.87
CA GLY B 95 24.72 -0.85 -14.76
C GLY B 95 24.65 -1.51 -16.13
N GLU B 96 24.23 -2.76 -16.17
CA GLU B 96 24.32 -3.38 -17.48
C GLU B 96 23.28 -2.85 -18.46
N LEU B 97 22.42 -1.94 -18.01
CA LEU B 97 21.40 -1.35 -18.89
C LEU B 97 21.90 -0.17 -19.69
N ARG B 98 23.01 0.46 -19.27
CA ARG B 98 23.33 1.79 -19.79
C ARG B 98 23.67 1.77 -21.28
N ASP B 99 24.25 0.69 -21.79
CA ASP B 99 24.67 0.64 -23.18
C ASP B 99 23.67 -0.11 -24.06
N THR B 100 22.46 -0.32 -23.57
CA THR B 100 21.39 -0.99 -24.29
C THR B 100 20.29 0.02 -24.59
N TYR B 101 19.33 -0.42 -25.42
CA TYR B 101 18.21 0.46 -25.72
C TYR B 101 17.40 0.81 -24.48
N LEU B 102 17.33 -0.11 -23.50
CA LEU B 102 16.61 0.18 -22.27
C LEU B 102 17.20 1.39 -21.53
N GLY B 103 18.53 1.46 -21.44
CA GLY B 103 19.15 2.63 -20.84
C GLY B 103 18.78 3.91 -21.56
N GLU B 104 18.57 3.84 -22.88
CA GLU B 104 18.08 5.01 -23.59
C GLU B 104 16.69 5.42 -23.10
N VAL B 105 15.82 4.43 -22.86
CA VAL B 105 14.49 4.76 -22.34
C VAL B 105 14.61 5.54 -21.04
N PHE B 106 15.48 5.08 -20.13
CA PHE B 106 15.62 5.78 -18.86
C PHE B 106 16.05 7.22 -19.09
N ASP B 107 16.94 7.42 -20.07
CA ASP B 107 17.46 8.76 -20.37
C ASP B 107 16.37 9.71 -20.87
N ARG B 108 15.36 9.20 -21.58
CA ARG B 108 14.34 10.06 -22.17
C ARG B 108 13.20 10.40 -21.23
N LEU B 109 13.11 9.80 -20.05
CA LEU B 109 12.03 10.12 -19.13
C LEU B 109 12.11 11.57 -18.65
N PRO B 110 10.97 12.27 -18.55
CA PRO B 110 10.96 13.64 -18.02
C PRO B 110 11.03 13.73 -16.51
N PHE B 111 11.05 12.59 -15.78
CA PHE B 111 11.15 12.58 -14.33
C PHE B 111 12.25 11.62 -13.90
N LYS B 112 12.59 11.70 -12.62
CA LYS B 112 13.54 10.83 -11.94
C LYS B 112 12.77 9.57 -11.59
N PRO B 113 13.05 8.42 -12.21
CA PRO B 113 12.29 7.20 -11.90
C PRO B 113 12.78 6.48 -10.65
N ILE B 114 11.85 5.91 -9.88
CA ILE B 114 12.22 5.03 -8.77
C ILE B 114 11.52 3.68 -8.93
N ARG B 115 12.17 2.63 -8.42
CA ARG B 115 11.61 1.27 -8.31
C ARG B 115 10.96 0.80 -9.62
N THR B 116 11.62 1.08 -10.73
CA THR B 116 11.09 0.64 -12.02
C THR B 116 11.16 -0.89 -12.11
N ARG B 117 10.12 -1.49 -12.69
CA ARG B 117 10.05 -2.94 -12.83
C ARG B 117 9.48 -3.28 -14.20
N ILE B 118 9.90 -4.41 -14.73
CA ILE B 118 9.08 -5.05 -15.75
C ILE B 118 7.97 -5.80 -15.02
N MET B 119 6.72 -5.59 -15.43
N MET B 119 6.72 -5.55 -15.43
CA MET B 119 5.57 -6.25 -14.82
CA MET B 119 5.54 -6.21 -14.86
C MET B 119 4.70 -6.84 -15.92
C MET B 119 4.75 -6.85 -15.99
N ALA B 120 4.70 -8.17 -16.02
CA ALA B 120 4.03 -8.91 -17.08
C ALA B 120 2.78 -9.61 -16.53
N LEU B 121 1.60 -9.30 -17.08
CA LEU B 121 0.42 -10.05 -16.71
C LEU B 121 0.28 -11.32 -17.56
N ASP B 122 0.11 -12.44 -16.86
CA ASP B 122 0.00 -13.75 -17.46
C ASP B 122 -1.23 -13.83 -18.37
N PRO B 123 -1.17 -14.65 -19.42
CA PRO B 123 -2.37 -14.91 -20.23
C PRO B 123 -3.54 -15.41 -19.38
N LYS B 124 -4.73 -14.90 -19.67
CA LYS B 124 -6.00 -15.29 -19.00
C LYS B 124 -5.96 -15.00 -17.50
N TYR B 125 -5.24 -13.99 -17.07
CA TYR B 125 -5.06 -13.70 -15.66
C TYR B 125 -5.55 -12.29 -15.35
N CYS B 126 -6.01 -12.10 -14.12
CA CYS B 126 -6.44 -10.79 -13.66
C CYS B 126 -6.24 -10.73 -12.17
N TYR B 127 -6.32 -9.54 -11.60
CA TYR B 127 -6.10 -9.52 -10.15
C TYR B 127 -7.31 -8.90 -9.45
N SER B 128 -7.24 -8.88 -8.11
CA SER B 128 -8.44 -8.49 -7.39
C SER B 128 -8.73 -7.01 -7.64
N VAL B 129 -9.96 -6.64 -7.37
CA VAL B 129 -10.41 -5.26 -7.47
C VAL B 129 -9.96 -4.57 -6.20
N HIS B 130 -9.00 -3.65 -6.30
CA HIS B 130 -8.39 -3.10 -5.10
C HIS B 130 -7.96 -1.67 -5.37
N ARG B 131 -7.43 -1.01 -4.32
CA ARG B 131 -6.82 0.32 -4.44
C ARG B 131 -5.32 0.16 -4.20
N ALA B 132 -4.53 0.56 -5.18
CA ALA B 132 -3.10 0.44 -5.07
C ALA B 132 -2.55 1.55 -4.20
N LEU B 133 -1.47 1.23 -3.50
CA LEU B 133 -0.82 2.23 -2.68
C LEU B 133 -0.31 3.39 -3.50
N THR B 134 0.23 3.10 -4.68
CA THR B 134 1.06 4.07 -5.38
C THR B 134 0.71 4.09 -6.87
N PRO B 135 0.36 5.24 -7.45
CA PRO B 135 0.19 5.31 -8.91
C PRO B 135 1.52 5.33 -9.63
N ARG B 136 1.54 4.81 -10.86
CA ARG B 136 2.78 4.59 -11.59
C ARG B 136 2.58 4.87 -13.08
N TYR B 137 3.70 4.93 -13.81
CA TYR B 137 3.72 5.20 -15.25
C TYR B 137 4.00 3.91 -16.00
N HIS B 138 3.15 3.60 -16.98
CA HIS B 138 3.23 2.35 -17.72
C HIS B 138 3.71 2.62 -19.13
N LEU B 139 4.68 1.83 -19.57
CA LEU B 139 5.14 1.80 -20.95
C LEU B 139 4.87 0.36 -21.42
N ALA B 140 3.85 0.20 -22.25
CA ALA B 140 3.50 -1.14 -22.70
C ALA B 140 4.55 -1.64 -23.68
N VAL B 141 5.04 -2.84 -23.44
CA VAL B 141 6.03 -3.47 -24.30
C VAL B 141 5.39 -4.40 -25.30
N THR B 142 4.56 -5.32 -24.79
CA THR B 142 3.77 -6.22 -25.62
C THR B 142 2.39 -6.27 -25.01
N THR B 143 1.36 -6.18 -25.86
CA THR B 143 0.02 -6.11 -25.33
C THR B 143 -0.91 -6.52 -26.48
N SER B 144 -2.21 -6.41 -26.24
CA SER B 144 -3.21 -6.85 -27.19
C SER B 144 -4.49 -6.18 -26.78
N GLU B 145 -5.51 -6.28 -27.64
CA GLU B 145 -6.82 -5.77 -27.29
C GLU B 145 -7.46 -6.48 -26.10
N HIS B 146 -6.90 -7.58 -25.63
CA HIS B 146 -7.48 -8.31 -24.51
C HIS B 146 -6.96 -7.84 -23.15
N ALA B 147 -6.02 -6.88 -23.11
CA ALA B 147 -5.44 -6.37 -21.87
C ALA B 147 -6.00 -4.98 -21.60
N ARG B 148 -6.67 -4.82 -20.45
CA ARG B 148 -7.31 -3.56 -20.07
C ARG B 148 -7.14 -3.34 -18.58
N PHE B 149 -7.21 -2.06 -18.18
CA PHE B 149 -7.45 -1.65 -16.80
C PHE B 149 -8.95 -1.38 -16.68
N VAL B 150 -9.50 -1.71 -15.53
CA VAL B 150 -10.94 -1.54 -15.28
C VAL B 150 -11.06 -0.70 -14.02
N PHE B 151 -11.72 0.45 -14.11
CA PHE B 151 -11.91 1.31 -12.95
C PHE B 151 -13.37 1.23 -12.51
N ILE B 152 -13.59 0.67 -11.32
CA ILE B 152 -14.93 0.32 -10.87
C ILE B 152 -15.75 1.56 -10.56
N GLU B 153 -15.18 2.49 -9.79
CA GLU B 153 -15.96 3.64 -9.36
C GLU B 153 -16.23 4.59 -10.52
N HIS B 154 -15.19 4.87 -11.32
CA HIS B 154 -15.33 5.68 -12.53
C HIS B 154 -16.03 4.96 -13.66
N ASP B 155 -16.27 3.66 -13.55
CA ASP B 155 -16.94 2.90 -14.60
C ASP B 155 -16.23 3.09 -15.94
N LYS B 156 -14.91 3.00 -15.96
CA LYS B 156 -14.17 3.20 -17.20
C LYS B 156 -13.20 2.05 -17.44
N VAL B 157 -12.96 1.78 -18.72
CA VAL B 157 -12.08 0.71 -19.17
C VAL B 157 -10.99 1.35 -20.00
N LEU B 158 -9.74 1.06 -19.66
CA LEU B 158 -8.60 1.66 -20.34
C LEU B 158 -7.71 0.62 -20.97
N HIS B 159 -7.20 0.95 -22.14
CA HIS B 159 -6.22 0.15 -22.82
C HIS B 159 -4.93 0.95 -22.92
N ILE B 160 -3.77 0.31 -22.67
CA ILE B 160 -2.48 0.98 -22.79
C ILE B 160 -1.75 0.38 -23.99
N PRO B 161 -1.68 1.08 -25.12
CA PRO B 161 -1.05 0.52 -26.31
C PRO B 161 0.46 0.57 -26.26
N ALA B 162 1.07 -0.39 -26.95
CA ALA B 162 2.53 -0.45 -27.11
C ALA B 162 2.96 0.52 -28.23
N ASP B 163 2.79 1.81 -27.94
CA ASP B 163 3.03 2.85 -28.93
C ASP B 163 4.25 3.69 -28.60
N GLY B 164 5.08 3.24 -27.65
CA GLY B 164 6.29 3.90 -27.29
C GLY B 164 6.12 5.12 -26.41
N ASP B 165 4.90 5.43 -25.98
CA ASP B 165 4.62 6.56 -25.12
C ASP B 165 4.29 6.11 -23.70
N LEU B 166 4.33 7.05 -22.78
CA LEU B 166 4.26 6.79 -21.35
C LEU B 166 2.86 7.09 -20.83
N TYR B 167 2.27 6.13 -20.13
CA TYR B 167 0.91 6.29 -19.65
C TYR B 167 0.90 6.32 -18.13
N TYR B 168 0.57 7.47 -17.56
CA TYR B 168 0.32 7.52 -16.14
C TYR B 168 -1.02 6.88 -15.88
N VAL B 169 -1.07 6.00 -14.88
CA VAL B 169 -2.31 5.29 -14.52
C VAL B 169 -2.47 5.43 -13.02
N ASP B 170 -3.58 6.02 -12.60
CA ASP B 170 -3.79 6.23 -11.17
C ASP B 170 -4.41 4.97 -10.59
N THR B 171 -3.54 3.95 -10.40
CA THR B 171 -3.99 2.69 -9.82
C THR B 171 -4.33 2.84 -8.29
N ARG B 172 -4.33 4.05 -7.73
CA ARG B 172 -4.90 4.27 -6.41
C ARG B 172 -6.41 4.14 -6.45
N GLN B 173 -7.00 4.46 -7.60
CA GLN B 173 -8.44 4.25 -7.77
C GLN B 173 -8.79 2.77 -7.69
N LEU B 174 -10.02 2.48 -7.27
CA LEU B 174 -10.52 1.11 -7.22
C LEU B 174 -10.50 0.49 -8.61
N HIS B 175 -9.68 -0.52 -8.81
CA HIS B 175 -9.48 -1.02 -10.16
C HIS B 175 -9.08 -2.47 -10.13
N SER B 176 -9.12 -3.09 -11.30
CA SER B 176 -8.45 -4.35 -11.55
C SER B 176 -7.73 -4.20 -12.87
N ALA B 177 -6.91 -5.17 -13.21
CA ALA B 177 -6.44 -5.27 -14.57
C ALA B 177 -6.54 -6.71 -14.99
N PHE B 178 -6.68 -6.92 -16.30
CA PHE B 178 -6.85 -8.29 -16.79
C PHE B 178 -6.16 -8.43 -18.14
N ASN B 179 -5.85 -9.66 -18.49
CA ASN B 179 -5.20 -9.95 -19.77
C ASN B 179 -5.91 -11.19 -20.31
N GLY B 180 -6.86 -10.98 -21.21
CA GLY B 180 -7.62 -12.10 -21.74
C GLY B 180 -6.97 -12.74 -22.94
N GLY B 181 -5.73 -12.37 -23.29
CA GLY B 181 -5.06 -12.90 -24.46
C GLY B 181 -4.34 -14.21 -24.16
N ASP B 182 -3.71 -14.77 -25.20
CA ASP B 182 -2.93 -15.99 -25.01
C ASP B 182 -1.48 -15.70 -24.66
N ASP B 183 -1.03 -14.45 -24.75
CA ASP B 183 0.34 -14.11 -24.44
C ASP B 183 0.40 -13.17 -23.24
N MET B 184 1.56 -13.18 -22.59
CA MET B 184 1.85 -12.24 -21.52
C MET B 184 1.69 -10.80 -22.01
N ARG B 185 1.14 -9.96 -21.15
N ARG B 185 1.15 -9.95 -21.15
CA ARG B 185 1.10 -8.52 -21.39
CA ARG B 185 1.09 -8.52 -21.40
C ARG B 185 2.25 -7.90 -20.61
C ARG B 185 2.24 -7.90 -20.61
N ILE B 186 3.29 -7.46 -21.32
CA ILE B 186 4.50 -6.96 -20.67
C ILE B 186 4.47 -5.44 -20.62
N HIS B 187 4.55 -4.86 -19.41
CA HIS B 187 4.72 -3.41 -19.22
C HIS B 187 6.06 -3.15 -18.55
N ILE B 188 6.62 -1.96 -18.79
CA ILE B 188 7.63 -1.39 -17.90
C ILE B 188 6.87 -0.41 -17.05
N VAL B 189 7.01 -0.50 -15.71
CA VAL B 189 6.21 0.29 -14.80
C VAL B 189 7.18 1.12 -13.97
N PHE B 190 7.11 2.45 -14.11
CA PHE B 190 8.03 3.38 -13.46
C PHE B 190 7.37 4.05 -12.27
N GLY B 191 8.05 4.06 -11.11
CA GLY B 191 7.66 4.95 -10.03
C GLY B 191 8.33 6.33 -10.21
N THR B 192 7.86 7.31 -9.42
CA THR B 192 8.48 8.63 -9.39
C THR B 192 8.29 9.25 -8.01
N ASP B 193 9.24 10.13 -7.64
CA ASP B 193 9.05 10.99 -6.48
C ASP B 193 8.69 12.42 -6.85
N GLY B 194 8.63 12.75 -8.14
CA GLY B 194 8.23 14.07 -8.58
C GLY B 194 9.38 15.04 -8.80
#